data_5R5D
#
_entry.id   5R5D
#
_cell.length_a   49.510
_cell.length_b   52.270
_cell.length_c   101.630
_cell.angle_alpha   90.000
_cell.angle_beta   90.000
_cell.angle_gamma   90.000
#
_symmetry.space_group_name_H-M   'P 21 21 21'
#
loop_
_entity.id
_entity.type
_entity.pdbx_description
1 polymer 'Uridine diphosphate glucose pyrophosphatase NUDT22'
2 non-polymer '3-azanyl-4-(pyridin-3-ylmethylamino)benzoic acid'
3 non-polymer 'DIMETHYL SULFOXIDE'
4 water water
#
_entity_poly.entity_id   1
_entity_poly.type   'polypeptide(L)'
_entity_poly.pdbx_seq_one_letter_code
;SMDPEVTLLLQCPGGGLPQEQIQAELSPAHDRRPLPGGDEAITAIWETRLKAQPWLFDAPKFRLHSATLAPIGSRGPQLL
LRLGLTSYRDFLGTNWSSSAAWLRQQGATDWGDTQAYLADPLGVGAALATADDFLVFLRRSRQVAEAPGLVDVPGGHPEP
QALCPGGSPQHQDLAGQLVVHELFSSVLQEICDEVNLPLLTLSQPLLLGIARNETSAGRASAEFYVQCSLTSEQVRKHYL
SGGPEAHESTGIFFVETQNVRRLPETEMWAELCPSAKGAIILYNRVQGSPTGAALGSPALLPPL
;
_entity_poly.pdbx_strand_id   A
#
# COMPACT_ATOMS: atom_id res chain seq x y z
N ASP A 3 -15.40 3.91 8.29
N ASP A 3 -14.69 4.17 8.95
CA ASP A 3 -14.71 3.03 7.32
CA ASP A 3 -14.75 3.25 7.78
C ASP A 3 -14.08 1.85 8.05
C ASP A 3 -14.10 1.91 8.16
N PRO A 4 -14.90 0.87 8.49
CA PRO A 4 -14.36 -0.30 9.16
C PRO A 4 -13.39 -1.14 8.33
N GLU A 5 -13.28 -0.95 7.00
CA GLU A 5 -12.45 -1.90 6.25
C GLU A 5 -11.02 -1.38 6.16
N VAL A 6 -10.72 -0.19 6.69
CA VAL A 6 -9.31 0.31 6.78
C VAL A 6 -9.01 0.94 8.16
N THR A 7 -7.85 0.59 8.73
CA THR A 7 -7.30 1.17 9.98
C THR A 7 -5.89 1.71 9.72
N LEU A 8 -5.55 2.86 10.32
CA LEU A 8 -4.21 3.47 10.19
C LEU A 8 -3.28 2.87 11.24
N LEU A 9 -2.17 2.28 10.81
CA LEU A 9 -1.12 1.75 11.72
C LEU A 9 -0.10 2.85 12.03
N LEU A 10 0.20 3.71 11.09
CA LEU A 10 1.25 4.78 11.20
C LEU A 10 0.82 6.00 10.38
N GLN A 11 0.89 7.20 10.97
CA GLN A 11 0.83 8.50 10.25
C GLN A 11 2.21 9.16 10.39
N CYS A 12 2.88 9.48 9.28
CA CYS A 12 4.25 10.04 9.34
C CYS A 12 4.19 11.53 9.65
N PRO A 13 5.22 12.02 10.36
CA PRO A 13 5.37 13.46 10.60
C PRO A 13 6.09 14.21 9.47
N GLY A 14 6.06 15.53 9.56
CA GLY A 14 6.85 16.43 8.70
C GLY A 14 6.36 16.48 7.27
N GLY A 15 5.10 16.07 7.01
CA GLY A 15 4.56 16.02 5.65
C GLY A 15 4.96 14.73 4.95
N GLY A 16 5.62 13.81 5.64
CA GLY A 16 6.02 12.49 5.12
C GLY A 16 7.51 12.29 5.17
N LEU A 17 7.97 11.05 5.29
CA LEU A 17 9.42 10.77 5.49
C LEU A 17 10.13 10.36 4.20
N PRO A 18 11.32 10.94 3.91
CA PRO A 18 12.15 10.47 2.82
C PRO A 18 12.89 9.18 3.20
N GLN A 19 13.40 8.48 2.18
CA GLN A 19 14.14 7.20 2.31
C GLN A 19 15.23 7.30 3.41
N GLU A 20 15.98 8.40 3.43
CA GLU A 20 17.21 8.56 4.27
C GLU A 20 16.86 8.63 5.76
N GLN A 21 15.59 8.78 6.09
CA GLN A 21 15.15 8.90 7.50
C GLN A 21 14.52 7.60 8.02
N ILE A 22 14.59 6.50 7.27
CA ILE A 22 13.93 5.23 7.67
C ILE A 22 14.97 4.12 7.76
N GLN A 23 14.89 3.37 8.85
CA GLN A 23 15.70 2.15 9.13
C GLN A 23 14.80 0.92 8.96
N ALA A 24 15.31 -0.19 8.44
CA ALA A 24 14.58 -1.47 8.45
C ALA A 24 15.41 -2.50 9.22
N GLU A 25 14.72 -3.36 9.95
CA GLU A 25 15.30 -4.55 10.61
C GLU A 25 14.61 -5.76 9.97
N LEU A 26 15.32 -6.49 9.11
CA LEU A 26 14.79 -7.69 8.41
C LEU A 26 15.37 -8.91 9.13
N SER A 27 14.51 -9.69 9.79
CA SER A 27 14.88 -10.74 10.78
C SER A 27 13.86 -11.88 10.76
N PRO A 28 14.30 -13.16 10.85
CA PRO A 28 13.36 -14.29 10.96
C PRO A 28 12.52 -14.24 12.24
N ALA A 29 12.89 -13.45 13.25
CA ALA A 29 12.03 -13.17 14.42
C ALA A 29 10.72 -12.48 14.00
N HIS A 30 10.67 -11.83 12.83
CA HIS A 30 9.51 -11.05 12.31
C HIS A 30 8.66 -11.89 11.35
N ASP A 31 8.95 -13.19 11.26
CA ASP A 31 8.21 -14.09 10.33
C ASP A 31 6.87 -14.49 10.95
N ARG A 32 5.97 -15.00 10.11
CA ARG A 32 4.73 -15.69 10.55
C ARG A 32 5.11 -16.88 11.45
N ARG A 33 4.29 -17.17 12.45
CA ARG A 33 4.46 -18.38 13.31
C ARG A 33 3.87 -19.58 12.56
N PRO A 34 4.47 -20.79 12.69
CA PRO A 34 3.86 -21.99 12.11
C PRO A 34 2.41 -22.15 12.60
N LEU A 35 1.49 -22.64 11.75
CA LEU A 35 0.05 -22.81 12.12
C LEU A 35 -0.06 -23.85 13.24
N PRO A 36 -1.06 -23.74 14.14
CA PRO A 36 -1.18 -24.67 15.28
C PRO A 36 -1.16 -26.17 14.91
N GLY A 37 -1.88 -26.56 13.85
CA GLY A 37 -1.95 -27.94 13.36
C GLY A 37 -0.95 -28.19 12.25
N GLY A 38 -0.03 -27.26 12.00
CA GLY A 38 1.09 -27.42 11.05
C GLY A 38 0.81 -26.71 9.73
N ASP A 39 1.86 -26.35 9.00
CA ASP A 39 1.75 -25.61 7.70
C ASP A 39 1.25 -26.52 6.56
N GLU A 40 1.00 -27.82 6.81
CA GLU A 40 0.33 -28.72 5.84
C GLU A 40 -0.97 -28.15 5.30
N ALA A 41 -1.74 -27.38 6.08
CA ALA A 41 -3.00 -26.73 5.62
C ALA A 41 -2.71 -25.74 4.48
N ILE A 42 -1.59 -25.02 4.51
CA ILE A 42 -1.20 -24.05 3.44
C ILE A 42 -0.82 -24.84 2.17
N THR A 43 -0.07 -25.91 2.35
CA THR A 43 0.41 -26.79 1.26
C THR A 43 -0.80 -27.38 0.55
N ALA A 44 -1.84 -27.81 1.27
CA ALA A 44 -3.06 -28.43 0.69
C ALA A 44 -3.81 -27.42 -0.19
N ILE A 45 -4.02 -26.18 0.28
CA ILE A 45 -4.69 -25.11 -0.49
C ILE A 45 -3.90 -24.83 -1.78
N TRP A 46 -2.57 -24.80 -1.70
CA TRP A 46 -1.67 -24.46 -2.84
C TRP A 46 -1.79 -25.56 -3.91
N GLU A 47 -1.70 -26.83 -3.48
CA GLU A 47 -1.83 -28.02 -4.37
C GLU A 47 -3.16 -27.98 -5.11
N THR A 48 -4.26 -27.73 -4.38
CA THR A 48 -5.62 -27.67 -4.98
C THR A 48 -5.65 -26.58 -6.06
N ARG A 49 -5.09 -25.40 -5.75
CA ARG A 49 -5.06 -24.24 -6.69
C ARG A 49 -4.26 -24.64 -7.94
N LEU A 50 -3.03 -25.15 -7.77
CA LEU A 50 -2.14 -25.51 -8.92
C LEU A 50 -2.77 -26.61 -9.78
N LYS A 51 -3.61 -27.46 -9.18
CA LYS A 51 -4.23 -28.54 -9.97
C LYS A 51 -5.38 -28.01 -10.85
N ALA A 52 -5.84 -26.78 -10.62
CA ALA A 52 -6.83 -26.06 -11.47
C ALA A 52 -6.13 -25.02 -12.36
N GLN A 53 -5.06 -24.38 -11.88
CA GLN A 53 -4.35 -23.28 -12.59
C GLN A 53 -2.85 -23.58 -12.54
N PRO A 54 -2.35 -24.57 -13.32
CA PRO A 54 -0.95 -25.00 -13.19
C PRO A 54 0.09 -23.96 -13.64
N TRP A 55 -0.32 -22.85 -14.26
CA TRP A 55 0.56 -21.74 -14.71
C TRP A 55 0.85 -20.76 -13.57
N LEU A 56 0.22 -20.90 -12.41
CA LEU A 56 0.48 -20.01 -11.25
C LEU A 56 1.89 -20.27 -10.72
N PHE A 57 2.55 -19.25 -10.19
CA PHE A 57 3.88 -19.44 -9.56
C PHE A 57 3.91 -18.69 -8.22
N ASP A 58 4.67 -19.24 -7.27
CA ASP A 58 4.94 -18.59 -5.96
C ASP A 58 5.91 -17.41 -6.20
N ALA A 59 6.01 -16.53 -5.24
CA ALA A 59 6.99 -15.41 -5.22
C ALA A 59 7.18 -15.00 -3.77
N PRO A 60 8.41 -14.62 -3.37
CA PRO A 60 8.64 -14.09 -2.03
C PRO A 60 8.08 -12.69 -1.89
N LYS A 61 7.80 -12.32 -0.63
CA LYS A 61 7.20 -11.03 -0.26
C LYS A 61 7.85 -10.59 1.06
N PHE A 62 7.88 -9.28 1.31
CA PHE A 62 8.18 -8.77 2.66
C PHE A 62 6.93 -8.93 3.54
N ARG A 63 7.14 -9.27 4.81
CA ARG A 63 6.10 -9.32 5.85
C ARG A 63 6.29 -8.11 6.79
N LEU A 64 5.24 -7.33 7.03
CA LEU A 64 5.25 -6.28 8.09
C LEU A 64 4.97 -6.94 9.44
N HIS A 65 5.90 -6.81 10.39
CA HIS A 65 5.66 -7.15 11.82
C HIS A 65 5.13 -5.91 12.58
N SER A 66 5.80 -4.77 12.45
CA SER A 66 5.49 -3.54 13.23
C SER A 66 6.35 -2.37 12.72
N ALA A 67 5.96 -1.14 13.07
CA ALA A 67 6.66 0.07 12.62
C ALA A 67 6.66 1.07 13.77
N THR A 68 7.83 1.45 14.33
CA THR A 68 7.92 2.34 15.52
C THR A 68 8.45 3.71 15.10
N LEU A 69 7.68 4.78 15.34
CA LEU A 69 8.12 6.16 15.07
C LEU A 69 8.93 6.71 16.25
N ALA A 70 10.02 7.44 15.95
CA ALA A 70 10.82 8.18 16.94
C ALA A 70 9.94 9.25 17.60
N PRO A 71 10.35 9.79 18.76
CA PRO A 71 9.72 10.98 19.34
C PRO A 71 9.71 12.13 18.31
N ILE A 72 8.58 12.83 18.13
CA ILE A 72 8.46 13.88 17.08
C ILE A 72 9.47 14.99 17.38
N GLY A 73 10.03 15.54 16.31
CA GLY A 73 10.95 16.68 16.37
C GLY A 73 12.39 16.27 16.60
N SER A 74 12.68 14.97 16.67
CA SER A 74 14.02 14.43 17.03
C SER A 74 14.93 14.48 15.78
N ARG A 75 16.23 14.48 16.03
CA ARG A 75 17.29 14.32 15.00
C ARG A 75 17.52 12.81 14.85
N GLY A 76 18.16 12.38 13.76
CA GLY A 76 18.47 10.97 13.52
C GLY A 76 17.29 10.26 12.85
N PRO A 77 17.40 8.92 12.64
CA PRO A 77 16.37 8.14 11.99
C PRO A 77 15.01 8.28 12.71
N GLN A 78 13.97 8.41 11.91
CA GLN A 78 12.61 8.78 12.41
C GLN A 78 11.69 7.56 12.48
N LEU A 79 12.00 6.47 11.77
CA LEU A 79 11.07 5.30 11.74
C LEU A 79 11.90 4.04 11.73
N LEU A 80 11.48 3.02 12.47
CA LEU A 80 12.04 1.65 12.39
C LEU A 80 10.96 0.70 11.85
N LEU A 81 11.20 0.09 10.69
CA LEU A 81 10.30 -0.95 10.11
C LEU A 81 10.88 -2.32 10.50
N ARG A 82 10.09 -3.13 11.21
CA ARG A 82 10.44 -4.52 11.54
C ARG A 82 9.77 -5.42 10.50
N LEU A 83 10.59 -6.10 9.71
CA LEU A 83 10.15 -6.86 8.52
C LEU A 83 10.62 -8.32 8.66
N GLY A 84 9.79 -9.24 8.15
CA GLY A 84 10.12 -10.65 7.93
C GLY A 84 9.95 -10.99 6.47
N LEU A 85 9.95 -12.29 6.16
CA LEU A 85 9.73 -12.76 4.77
C LEU A 85 8.49 -13.65 4.80
N THR A 86 7.70 -13.59 3.73
CA THR A 86 6.52 -14.45 3.49
C THR A 86 6.47 -14.77 1.99
N SER A 87 5.31 -15.11 1.46
CA SER A 87 5.17 -15.54 0.05
C SER A 87 3.73 -15.42 -0.35
N TYR A 88 3.50 -15.39 -1.67
CA TYR A 88 2.16 -15.46 -2.32
C TYR A 88 1.42 -16.73 -1.88
N ARG A 89 2.14 -17.87 -1.79
CA ARG A 89 1.55 -19.17 -1.33
C ARG A 89 1.03 -19.08 0.11
N ASP A 90 1.84 -18.52 1.01
CA ASP A 90 1.48 -18.37 2.44
C ASP A 90 0.29 -17.40 2.55
N PHE A 91 0.29 -16.33 1.76
CA PHE A 91 -0.88 -15.41 1.72
C PHE A 91 -2.15 -16.20 1.36
N LEU A 92 -2.11 -17.05 0.33
CA LEU A 92 -3.36 -17.70 -0.15
C LEU A 92 -3.84 -18.69 0.93
N GLY A 93 -2.92 -19.23 1.71
CA GLY A 93 -3.23 -20.21 2.76
C GLY A 93 -3.61 -19.59 4.10
N THR A 94 -3.52 -18.26 4.26
CA THR A 94 -3.77 -17.60 5.58
C THR A 94 -4.73 -16.43 5.38
N ASN A 95 -4.26 -15.23 5.04
CA ASN A 95 -5.08 -14.02 4.84
C ASN A 95 -6.31 -14.26 3.91
N TRP A 96 -6.12 -15.03 2.84
CA TRP A 96 -7.13 -15.27 1.78
C TRP A 96 -7.86 -16.61 2.00
N SER A 97 -7.60 -17.27 3.12
CA SER A 97 -8.35 -18.48 3.56
C SER A 97 -9.72 -18.10 4.11
N SER A 98 -10.70 -19.00 3.92
CA SER A 98 -12.07 -18.80 4.48
C SER A 98 -12.01 -18.73 6.01
N SER A 99 -10.98 -19.35 6.60
N SER A 99 -11.00 -19.38 6.63
CA SER A 99 -10.77 -19.51 8.07
CA SER A 99 -10.86 -19.46 8.11
C SER A 99 -9.94 -18.34 8.66
C SER A 99 -9.91 -18.37 8.66
N ALA A 100 -9.62 -17.31 7.86
CA ALA A 100 -8.68 -16.24 8.30
C ALA A 100 -9.10 -15.67 9.68
N ALA A 101 -10.39 -15.48 9.93
CA ALA A 101 -10.85 -14.91 11.22
C ALA A 101 -10.51 -15.90 12.35
N TRP A 102 -10.61 -17.21 12.11
CA TRP A 102 -10.24 -18.22 13.13
C TRP A 102 -8.75 -18.11 13.45
N LEU A 103 -7.89 -17.92 12.45
CA LEU A 103 -6.43 -17.73 12.65
C LEU A 103 -6.16 -16.48 13.48
N ARG A 104 -6.91 -15.40 13.25
CA ARG A 104 -6.74 -14.15 14.04
C ARG A 104 -7.06 -14.41 15.52
N GLN A 105 -8.18 -15.09 15.80
CA GLN A 105 -8.58 -15.43 17.20
C GLN A 105 -7.50 -16.33 17.87
N GLN A 106 -7.00 -17.34 17.15
N GLN A 106 -6.99 -17.32 17.15
CA GLN A 106 -5.98 -18.29 17.67
CA GLN A 106 -6.00 -18.29 17.68
C GLN A 106 -4.69 -17.53 17.95
C GLN A 106 -4.68 -17.56 17.94
N GLY A 107 -4.32 -16.58 17.09
CA GLY A 107 -3.12 -15.76 17.31
C GLY A 107 -3.24 -14.89 18.57
N ALA A 108 -4.40 -14.27 18.81
CA ALA A 108 -4.67 -13.52 20.06
C ALA A 108 -4.49 -14.45 21.27
N THR A 109 -5.11 -15.64 21.24
CA THR A 109 -5.01 -16.66 22.33
C THR A 109 -3.56 -17.05 22.60
N ASP A 110 -2.85 -17.52 21.58
CA ASP A 110 -1.55 -18.21 21.71
C ASP A 110 -0.41 -17.21 21.88
N TRP A 111 -0.44 -16.04 21.23
CA TRP A 111 0.73 -15.15 21.10
C TRP A 111 0.39 -13.73 21.57
N GLY A 112 -0.86 -13.43 21.94
CA GLY A 112 -1.32 -12.05 22.14
C GLY A 112 -1.11 -11.16 20.91
N ASP A 113 -1.32 -11.71 19.71
CA ASP A 113 -1.05 -11.02 18.43
C ASP A 113 -2.01 -11.58 17.37
N THR A 114 -3.05 -10.82 17.01
CA THR A 114 -4.07 -11.25 16.02
C THR A 114 -3.39 -11.63 14.68
N GLN A 115 -2.20 -11.08 14.38
CA GLN A 115 -1.54 -11.34 13.06
C GLN A 115 -0.53 -12.51 13.12
N ALA A 116 -0.30 -13.18 14.26
CA ALA A 116 0.87 -14.10 14.44
C ALA A 116 0.83 -15.23 13.40
N TYR A 117 -0.36 -15.70 13.03
CA TYR A 117 -0.53 -16.85 12.08
C TYR A 117 -0.85 -16.37 10.66
N LEU A 118 -0.71 -15.06 10.38
CA LEU A 118 -1.04 -14.48 9.04
C LEU A 118 0.24 -14.15 8.26
N ALA A 119 0.24 -14.43 6.96
CA ALA A 119 1.35 -14.06 6.05
C ALA A 119 1.60 -12.53 6.11
N ASP A 120 0.55 -11.72 5.97
CA ASP A 120 0.64 -10.24 6.05
C ASP A 120 1.73 -9.69 5.11
N PRO A 121 1.72 -10.04 3.81
CA PRO A 121 2.63 -9.37 2.85
C PRO A 121 2.46 -7.85 2.81
N LEU A 122 3.59 -7.11 2.74
CA LEU A 122 3.59 -5.62 2.69
C LEU A 122 3.31 -5.16 1.25
N GLY A 123 2.20 -4.43 1.08
CA GLY A 123 1.88 -3.73 -0.17
C GLY A 123 2.50 -2.35 -0.21
N VAL A 124 2.56 -1.75 -1.41
CA VAL A 124 2.88 -0.29 -1.59
C VAL A 124 1.81 0.34 -2.48
N GLY A 125 1.46 1.60 -2.18
CA GLY A 125 0.55 2.43 -2.99
C GLY A 125 1.01 3.86 -3.05
N ALA A 126 0.55 4.62 -4.04
CA ALA A 126 0.93 6.04 -4.21
C ALA A 126 -0.31 6.92 -4.39
N ALA A 127 -0.36 8.01 -3.62
CA ALA A 127 -1.03 9.26 -4.01
C ALA A 127 -0.13 9.97 -5.03
N LEU A 128 -0.50 9.85 -6.31
CA LEU A 128 0.34 10.35 -7.43
C LEU A 128 -0.28 11.65 -7.95
N ALA A 129 0.43 12.77 -7.82
CA ALA A 129 -0.12 14.12 -8.13
C ALA A 129 0.45 14.57 -9.47
N THR A 130 -0.34 15.24 -10.29
CA THR A 130 0.11 15.79 -11.59
C THR A 130 0.58 17.23 -11.42
N ALA A 131 1.21 17.78 -12.46
CA ALA A 131 1.74 19.16 -12.47
C ALA A 131 0.56 20.14 -12.37
N ASP A 132 -0.64 19.75 -12.83
CA ASP A 132 -1.86 20.61 -12.79
C ASP A 132 -2.81 20.28 -11.61
N ASP A 133 -2.25 19.62 -10.58
N ASP A 133 -2.30 19.58 -10.59
CA ASP A 133 -2.85 19.41 -9.22
CA ASP A 133 -2.94 19.49 -9.25
C ASP A 133 -4.09 18.50 -9.30
C ASP A 133 -4.09 18.47 -9.23
N PHE A 134 -3.92 17.32 -9.88
CA PHE A 134 -4.91 16.19 -9.79
C PHE A 134 -4.18 15.00 -9.18
N LEU A 135 -4.92 14.13 -8.48
CA LEU A 135 -4.46 12.76 -8.17
C LEU A 135 -4.95 11.75 -9.22
N VAL A 136 -4.19 10.66 -9.38
CA VAL A 136 -4.39 9.62 -10.42
C VAL A 136 -5.10 8.40 -9.83
N PHE A 137 -6.19 7.96 -10.48
CA PHE A 137 -6.98 6.77 -10.11
C PHE A 137 -7.04 5.77 -11.30
N LEU A 138 -7.12 4.49 -10.97
CA LEU A 138 -7.19 3.35 -11.94
C LEU A 138 -8.41 2.50 -11.66
N ARG A 139 -9.07 2.00 -12.71
CA ARG A 139 -10.25 1.09 -12.55
C ARG A 139 -9.75 -0.34 -12.64
N ARG A 140 -10.10 -1.18 -11.66
CA ARG A 140 -9.74 -2.61 -11.64
C ARG A 140 -10.68 -3.39 -12.59
N SER A 141 -10.10 -4.34 -13.31
CA SER A 141 -10.84 -5.36 -14.10
C SER A 141 -11.91 -6.01 -13.22
N ARG A 142 -13.06 -6.37 -13.81
CA ARG A 142 -14.20 -7.04 -13.13
C ARG A 142 -13.95 -8.55 -13.05
N GLN A 143 -12.82 -9.05 -13.59
CA GLN A 143 -12.53 -10.50 -13.74
C GLN A 143 -11.46 -10.98 -12.75
N VAL A 144 -10.81 -10.07 -12.00
CA VAL A 144 -9.72 -10.45 -11.05
C VAL A 144 -10.36 -10.89 -9.72
N ALA A 145 -9.55 -11.52 -8.86
CA ALA A 145 -10.00 -12.19 -7.62
C ALA A 145 -10.31 -11.18 -6.52
N GLU A 146 -9.43 -10.19 -6.30
CA GLU A 146 -9.56 -9.23 -5.17
C GLU A 146 -10.10 -7.89 -5.69
N ALA A 147 -11.14 -7.39 -5.02
CA ALA A 147 -11.76 -6.06 -5.27
C ALA A 147 -12.09 -5.89 -6.75
N PRO A 148 -12.77 -6.85 -7.41
CA PRO A 148 -13.10 -6.70 -8.82
C PRO A 148 -13.95 -5.45 -9.08
N GLY A 149 -13.58 -4.71 -10.10
CA GLY A 149 -14.38 -3.59 -10.61
C GLY A 149 -14.26 -2.36 -9.74
N LEU A 150 -13.37 -2.37 -8.72
CA LEU A 150 -13.28 -1.22 -7.80
C LEU A 150 -12.21 -0.24 -8.31
N VAL A 151 -12.24 0.98 -7.78
CA VAL A 151 -11.19 2.01 -8.05
C VAL A 151 -9.95 1.74 -7.19
N ASP A 152 -8.78 1.86 -7.79
CA ASP A 152 -7.49 1.73 -7.06
C ASP A 152 -6.59 2.95 -7.30
N VAL A 153 -5.45 3.00 -6.60
CA VAL A 153 -4.33 3.94 -6.95
C VAL A 153 -3.20 3.07 -7.44
N PRO A 154 -2.14 3.65 -8.08
CA PRO A 154 -0.99 2.86 -8.49
C PRO A 154 -0.30 2.13 -7.32
N GLY A 155 0.16 0.91 -7.55
CA GLY A 155 0.91 0.20 -6.50
C GLY A 155 1.07 -1.26 -6.82
N GLY A 156 1.58 -2.02 -5.86
CA GLY A 156 1.71 -3.49 -5.99
C GLY A 156 2.25 -4.09 -4.71
N HIS A 157 2.86 -5.28 -4.82
CA HIS A 157 3.39 -6.05 -3.64
C HIS A 157 4.83 -6.41 -3.96
N PRO A 158 5.86 -5.64 -3.53
CA PRO A 158 7.22 -5.89 -3.98
C PRO A 158 7.83 -7.22 -3.49
N GLU A 159 8.73 -7.74 -4.32
CA GLU A 159 9.43 -9.05 -4.23
C GLU A 159 10.86 -8.78 -3.81
N PRO A 160 11.32 -9.27 -2.64
CA PRO A 160 12.71 -9.18 -2.19
C PRO A 160 13.79 -9.64 -3.20
N GLN A 161 14.99 -9.02 -3.13
CA GLN A 161 16.14 -9.17 -4.08
C GLN A 161 15.62 -9.41 -5.50
N ASP A 173 21.26 -1.92 10.21
CA ASP A 173 20.67 -1.30 9.00
C ASP A 173 21.55 -1.64 7.78
N LEU A 174 22.33 -2.72 7.82
CA LEU A 174 23.34 -3.00 6.77
C LEU A 174 22.85 -4.03 5.75
N ALA A 175 21.78 -4.76 6.03
CA ALA A 175 20.83 -5.27 4.99
C ALA A 175 19.61 -4.32 4.92
N GLY A 176 19.29 -3.64 6.05
CA GLY A 176 18.21 -2.65 6.26
C GLY A 176 18.11 -1.60 5.15
N GLN A 177 19.20 -0.92 4.84
CA GLN A 177 19.17 0.25 3.93
C GLN A 177 18.86 -0.22 2.51
N LEU A 178 19.28 -1.44 2.16
CA LEU A 178 18.99 -1.98 0.82
C LEU A 178 17.49 -2.31 0.74
N VAL A 179 16.90 -2.79 1.83
CA VAL A 179 15.45 -3.14 1.87
C VAL A 179 14.63 -1.83 1.77
N VAL A 180 14.94 -0.80 2.53
CA VAL A 180 14.22 0.50 2.41
C VAL A 180 14.33 1.00 0.96
N HIS A 181 15.53 0.95 0.37
CA HIS A 181 15.74 1.34 -1.03
C HIS A 181 14.82 0.57 -1.99
N GLU A 182 14.72 -0.75 -1.83
N GLU A 182 14.73 -0.76 -1.80
CA GLU A 182 13.85 -1.59 -2.69
CA GLU A 182 13.87 -1.67 -2.60
C GLU A 182 12.37 -1.18 -2.51
C GLU A 182 12.40 -1.23 -2.49
N LEU A 183 11.95 -0.87 -1.28
CA LEU A 183 10.55 -0.40 -1.06
C LEU A 183 10.26 0.91 -1.84
N PHE A 184 11.10 1.93 -1.70
CA PHE A 184 10.94 3.23 -2.39
C PHE A 184 11.02 3.03 -3.93
N SER A 185 12.02 2.25 -4.38
N SER A 185 11.99 2.24 -4.40
CA SER A 185 12.21 1.90 -5.81
CA SER A 185 12.18 1.99 -5.85
C SER A 185 10.96 1.25 -6.38
C SER A 185 10.99 1.19 -6.43
N SER A 186 10.36 0.32 -5.62
CA SER A 186 9.22 -0.51 -6.09
C SER A 186 7.99 0.38 -6.37
N VAL A 187 7.75 1.46 -5.59
CA VAL A 187 6.56 2.31 -5.87
C VAL A 187 6.75 3.07 -7.21
N LEU A 188 7.97 3.54 -7.51
CA LEU A 188 8.27 4.21 -8.80
C LEU A 188 8.16 3.21 -9.95
N GLN A 189 8.73 2.01 -9.79
CA GLN A 189 8.69 0.96 -10.81
C GLN A 189 7.22 0.64 -11.15
N GLU A 190 6.36 0.49 -10.14
CA GLU A 190 4.91 0.15 -10.31
C GLU A 190 4.23 1.30 -11.10
N ILE A 191 4.59 2.56 -10.84
CA ILE A 191 4.02 3.72 -11.60
C ILE A 191 4.49 3.63 -13.06
N CYS A 192 5.80 3.44 -13.31
CA CYS A 192 6.30 3.26 -14.70
C CYS A 192 5.61 2.08 -15.38
N ASP A 193 5.52 0.92 -14.74
CA ASP A 193 4.96 -0.29 -15.42
C ASP A 193 3.47 -0.15 -15.74
N GLU A 194 2.65 0.40 -14.86
CA GLU A 194 1.17 0.42 -14.99
C GLU A 194 0.70 1.74 -15.64
N VAL A 195 1.27 2.91 -15.30
CA VAL A 195 0.81 4.22 -15.84
C VAL A 195 1.59 4.54 -17.12
N ASN A 196 2.72 3.87 -17.35
CA ASN A 196 3.52 4.03 -18.60
C ASN A 196 4.21 5.41 -18.61
N LEU A 197 4.55 5.93 -17.43
CA LEU A 197 5.24 7.22 -17.30
C LEU A 197 6.76 7.01 -17.32
N PRO A 198 7.50 7.98 -17.92
CA PRO A 198 8.96 7.95 -17.81
C PRO A 198 9.42 8.18 -16.36
N LEU A 199 10.43 7.42 -15.93
CA LEU A 199 10.98 7.49 -14.55
C LEU A 199 11.44 8.91 -14.24
N LEU A 200 12.04 9.61 -15.22
CA LEU A 200 12.54 11.00 -15.01
C LEU A 200 11.42 12.03 -14.83
N THR A 201 10.14 11.69 -14.97
CA THR A 201 9.03 12.64 -14.68
C THR A 201 8.58 12.53 -13.22
N LEU A 202 9.16 11.62 -12.42
CA LEU A 202 8.70 11.32 -11.03
C LEU A 202 9.67 11.86 -9.96
N SER A 203 9.14 12.46 -8.89
CA SER A 203 9.90 12.86 -7.68
C SER A 203 10.32 11.62 -6.88
N GLN A 204 11.34 11.75 -6.03
CA GLN A 204 11.60 10.72 -5.00
C GLN A 204 10.35 10.63 -4.10
N PRO A 205 9.89 9.42 -3.78
CA PRO A 205 8.71 9.25 -2.92
C PRO A 205 8.90 9.76 -1.49
N LEU A 206 7.81 10.20 -0.85
CA LEU A 206 7.76 10.41 0.61
C LEU A 206 6.82 9.38 1.21
N LEU A 207 7.22 8.72 2.28
CA LEU A 207 6.27 7.81 3.01
C LEU A 207 5.26 8.65 3.81
N LEU A 208 3.96 8.48 3.54
CA LEU A 208 2.87 9.16 4.31
C LEU A 208 2.47 8.35 5.55
N GLY A 209 2.48 7.00 5.49
CA GLY A 209 2.04 6.16 6.59
C GLY A 209 1.82 4.73 6.16
N ILE A 210 1.20 3.95 7.04
CA ILE A 210 0.86 2.53 6.77
C ILE A 210 -0.62 2.33 7.12
N ALA A 211 -1.37 1.69 6.21
CA ALA A 211 -2.81 1.40 6.37
C ALA A 211 -3.01 -0.11 6.34
N ARG A 212 -3.99 -0.63 7.12
CA ARG A 212 -4.36 -2.06 7.14
C ARG A 212 -5.73 -2.28 6.45
N ASN A 213 -5.84 -3.34 5.65
CA ASN A 213 -7.05 -3.82 4.93
C ASN A 213 -7.71 -4.89 5.79
N GLU A 214 -8.72 -4.53 6.57
CA GLU A 214 -9.50 -5.45 7.46
C GLU A 214 -10.34 -6.47 6.64
N THR A 215 -10.58 -6.22 5.34
CA THR A 215 -11.30 -7.18 4.46
C THR A 215 -10.33 -8.29 4.04
N SER A 216 -9.02 -8.05 4.13
CA SER A 216 -7.98 -9.06 3.84
C SER A 216 -7.24 -9.46 5.12
N ALA A 217 -7.97 -9.54 6.28
CA ALA A 217 -7.51 -10.06 7.60
C ALA A 217 -6.35 -9.21 8.15
N GLY A 218 -6.26 -7.95 7.76
CA GLY A 218 -5.34 -7.00 8.40
C GLY A 218 -4.03 -6.80 7.65
N ARG A 219 -3.90 -7.27 6.40
CA ARG A 219 -2.60 -7.06 5.71
C ARG A 219 -2.40 -5.57 5.38
N ALA A 220 -1.15 -5.12 5.49
CA ALA A 220 -0.80 -3.68 5.55
C ALA A 220 -0.23 -3.25 4.19
N SER A 221 -0.39 -1.98 3.86
CA SER A 221 0.28 -1.33 2.71
C SER A 221 0.96 -0.05 3.19
N ALA A 222 2.22 0.14 2.80
CA ALA A 222 2.91 1.46 2.88
C ALA A 222 2.37 2.41 1.80
N GLU A 223 1.91 3.59 2.19
CA GLU A 223 1.27 4.58 1.29
C GLU A 223 2.23 5.78 1.12
N PHE A 224 2.55 6.13 -0.13
CA PHE A 224 3.60 7.13 -0.48
C PHE A 224 2.99 8.30 -1.25
N TYR A 225 3.65 9.45 -1.25
CA TYR A 225 3.27 10.62 -2.08
C TYR A 225 4.33 10.74 -3.16
N VAL A 226 3.92 10.82 -4.42
CA VAL A 226 4.83 11.03 -5.56
C VAL A 226 4.26 12.15 -6.43
N GLN A 227 5.12 13.08 -6.84
N GLN A 227 5.10 13.12 -6.80
CA GLN A 227 4.78 14.20 -7.74
CA GLN A 227 4.75 14.20 -7.75
C GLN A 227 5.28 13.88 -9.15
C GLN A 227 5.23 13.79 -9.15
N CYS A 228 4.45 14.14 -10.17
CA CYS A 228 4.82 13.97 -11.59
C CYS A 228 4.92 15.36 -12.24
N SER A 229 5.88 15.56 -13.14
CA SER A 229 6.07 16.87 -13.83
C SER A 229 5.15 16.99 -15.05
N LEU A 230 4.40 15.95 -15.38
CA LEU A 230 3.40 15.98 -16.49
C LEU A 230 2.02 16.43 -15.96
N THR A 231 1.24 17.09 -16.81
CA THR A 231 -0.19 17.42 -16.59
C THR A 231 -1.04 16.16 -16.69
N SER A 232 -2.25 16.21 -16.15
CA SER A 232 -3.25 15.12 -16.27
C SER A 232 -3.40 14.70 -17.75
N GLU A 233 -3.43 15.66 -18.69
CA GLU A 233 -3.66 15.32 -20.13
C GLU A 233 -2.46 14.50 -20.64
N GLN A 234 -1.25 14.88 -20.27
CA GLN A 234 -0.03 14.18 -20.69
C GLN A 234 0.01 12.80 -20.02
N VAL A 235 -0.37 12.68 -18.74
CA VAL A 235 -0.39 11.37 -18.05
C VAL A 235 -1.38 10.42 -18.77
N ARG A 236 -2.58 10.90 -19.09
CA ARG A 236 -3.60 10.11 -19.84
C ARG A 236 -3.00 9.61 -21.16
N LYS A 237 -2.37 10.51 -21.92
CA LYS A 237 -1.79 10.15 -23.25
C LYS A 237 -0.82 8.99 -23.05
N HIS A 238 0.07 9.08 -22.05
CA HIS A 238 1.13 8.05 -21.84
C HIS A 238 0.49 6.70 -21.49
N TYR A 239 -0.45 6.67 -20.53
CA TYR A 239 -1.23 5.48 -20.12
C TYR A 239 -1.90 4.85 -21.35
N LEU A 240 -2.70 5.62 -22.09
CA LEU A 240 -3.51 5.09 -23.24
C LEU A 240 -2.59 4.61 -24.37
N SER A 241 -1.43 5.27 -24.58
CA SER A 241 -0.51 4.98 -25.71
C SER A 241 0.17 3.63 -25.51
N GLY A 242 0.09 3.04 -24.31
CA GLY A 242 0.56 1.65 -24.08
C GLY A 242 -0.36 0.61 -24.72
N GLY A 243 -1.65 0.89 -24.87
CA GLY A 243 -2.62 -0.08 -25.42
C GLY A 243 -3.10 -1.04 -24.33
N PRO A 244 -4.17 -1.83 -24.60
CA PRO A 244 -4.78 -2.67 -23.56
C PRO A 244 -3.84 -3.65 -22.84
N GLU A 245 -2.78 -4.14 -23.50
CA GLU A 245 -1.83 -5.14 -22.92
C GLU A 245 -0.74 -4.45 -22.09
N ALA A 246 -0.64 -3.12 -22.11
CA ALA A 246 0.42 -2.42 -21.36
C ALA A 246 0.01 -2.21 -19.89
N HIS A 247 -1.24 -2.49 -19.51
CA HIS A 247 -1.72 -2.20 -18.13
C HIS A 247 -2.73 -3.27 -17.67
N GLU A 248 -2.80 -3.54 -16.36
CA GLU A 248 -3.74 -4.54 -15.77
C GLU A 248 -5.10 -3.87 -15.52
N SER A 249 -5.10 -2.57 -15.23
CA SER A 249 -6.34 -1.76 -15.06
C SER A 249 -7.09 -1.61 -16.40
N THR A 250 -8.36 -1.18 -16.36
CA THR A 250 -9.21 -1.03 -17.58
C THR A 250 -9.46 0.45 -17.91
N GLY A 251 -8.96 1.37 -17.09
CA GLY A 251 -9.15 2.82 -17.32
C GLY A 251 -8.38 3.65 -16.30
N ILE A 252 -8.15 4.91 -16.63
CA ILE A 252 -7.46 5.93 -15.77
C ILE A 252 -8.39 7.13 -15.65
N PHE A 253 -8.37 7.81 -14.50
CA PHE A 253 -9.12 9.09 -14.34
C PHE A 253 -8.45 9.92 -13.25
N PHE A 254 -8.86 11.18 -13.11
CA PHE A 254 -8.15 12.20 -12.29
C PHE A 254 -9.17 12.98 -11.47
N VAL A 255 -8.81 13.29 -10.21
CA VAL A 255 -9.64 14.14 -9.32
C VAL A 255 -8.77 15.31 -8.84
N GLU A 256 -9.28 16.54 -8.92
CA GLU A 256 -8.55 17.74 -8.45
C GLU A 256 -8.17 17.53 -6.98
N THR A 257 -6.95 17.91 -6.58
CA THR A 257 -6.54 17.81 -5.15
C THR A 257 -7.51 18.64 -4.30
N GLN A 258 -8.07 19.72 -4.85
CA GLN A 258 -9.11 20.52 -4.16
C GLN A 258 -10.26 19.62 -3.69
N ASN A 259 -10.66 18.67 -4.53
CA ASN A 259 -11.88 17.82 -4.31
C ASN A 259 -11.56 16.53 -3.53
N VAL A 260 -10.28 16.15 -3.41
CA VAL A 260 -9.87 14.93 -2.65
C VAL A 260 -10.17 15.13 -1.16
N ARG A 261 -10.06 16.37 -0.68
CA ARG A 261 -10.42 16.74 0.70
C ARG A 261 -11.77 16.13 1.11
N ARG A 262 -12.80 16.19 0.26
CA ARG A 262 -14.17 15.72 0.65
C ARG A 262 -14.53 14.39 -0.03
N LEU A 263 -13.56 13.66 -0.60
CA LEU A 263 -13.87 12.38 -1.29
C LEU A 263 -14.67 11.40 -0.42
N PRO A 264 -14.42 11.26 0.91
CA PRO A 264 -15.22 10.32 1.72
C PRO A 264 -16.73 10.65 1.80
N GLU A 265 -17.11 11.85 1.40
CA GLU A 265 -18.53 12.28 1.33
C GLU A 265 -19.13 12.06 -0.07
N THR A 266 -18.38 11.55 -1.04
CA THR A 266 -18.83 11.36 -2.44
C THR A 266 -19.31 9.93 -2.66
N GLU A 267 -20.01 9.67 -3.78
CA GLU A 267 -20.42 8.32 -4.23
C GLU A 267 -19.21 7.52 -4.69
N MET A 268 -18.08 8.17 -5.03
CA MET A 268 -16.82 7.47 -5.41
C MET A 268 -16.31 6.61 -4.23
N TRP A 269 -16.49 7.08 -2.99
CA TRP A 269 -15.88 6.45 -1.79
C TRP A 269 -16.30 4.97 -1.72
N ALA A 270 -17.57 4.64 -2.00
CA ALA A 270 -18.09 3.25 -1.95
C ALA A 270 -17.47 2.37 -3.04
N GLU A 271 -16.85 2.95 -4.06
CA GLU A 271 -16.21 2.19 -5.15
C GLU A 271 -14.69 2.04 -4.94
N LEU A 272 -14.11 2.70 -3.94
CA LEU A 272 -12.62 2.63 -3.69
C LEU A 272 -12.29 1.35 -2.92
N CYS A 273 -11.29 0.60 -3.35
CA CYS A 273 -10.76 -0.55 -2.58
C CYS A 273 -10.06 -0.03 -1.31
N PRO A 274 -10.05 -0.86 -0.24
CA PRO A 274 -9.51 -0.45 1.07
C PRO A 274 -8.10 0.18 1.04
N SER A 275 -7.18 -0.36 0.25
CA SER A 275 -5.80 0.15 0.23
C SER A 275 -5.75 1.54 -0.44
N ALA A 276 -6.58 1.78 -1.45
CA ALA A 276 -6.72 3.14 -2.04
C ALA A 276 -7.39 4.09 -1.03
N LYS A 277 -8.39 3.65 -0.27
CA LYS A 277 -8.96 4.52 0.81
C LYS A 277 -7.86 4.92 1.80
N GLY A 278 -6.99 3.98 2.17
CA GLY A 278 -5.83 4.24 3.04
C GLY A 278 -4.93 5.33 2.48
N ALA A 279 -4.59 5.25 1.18
CA ALA A 279 -3.76 6.25 0.49
C ALA A 279 -4.41 7.64 0.55
N ILE A 280 -5.71 7.73 0.34
CA ILE A 280 -6.42 9.04 0.29
C ILE A 280 -6.55 9.61 1.70
N ILE A 281 -6.88 8.80 2.70
CA ILE A 281 -6.94 9.28 4.12
C ILE A 281 -5.55 9.85 4.51
N LEU A 282 -4.48 9.09 4.25
CA LEU A 282 -3.10 9.56 4.64
C LEU A 282 -2.72 10.83 3.85
N TYR A 283 -3.03 10.93 2.56
CA TYR A 283 -2.75 12.14 1.75
C TYR A 283 -3.45 13.32 2.43
N ASN A 284 -4.74 13.18 2.73
CA ASN A 284 -5.53 14.27 3.37
C ASN A 284 -4.93 14.66 4.74
N ARG A 285 -4.45 13.71 5.54
CA ARG A 285 -3.95 14.03 6.91
C ARG A 285 -2.52 14.61 6.87
N VAL A 286 -1.69 14.11 5.96
CA VAL A 286 -0.22 14.36 5.97
C VAL A 286 0.17 15.44 4.97
N GLN A 287 -0.33 15.42 3.71
CA GLN A 287 -0.03 16.47 2.71
C GLN A 287 -1.09 17.59 2.77
N GLY A 288 -2.38 17.29 2.87
CA GLY A 288 -3.42 18.31 3.15
C GLY A 288 -3.36 18.71 4.62
N SER A 289 -4.45 19.28 5.17
CA SER A 289 -4.59 19.65 6.61
C SER A 289 -3.42 20.57 7.01
N PRO A 290 -3.37 21.82 6.47
CA PRO A 290 -2.27 22.74 6.75
C PRO A 290 -2.27 23.18 8.23
N THR A 291 -1.09 23.52 8.78
CA THR A 291 -0.89 23.86 10.21
C THR A 291 -0.60 25.36 10.39
N GLY A 292 -0.20 26.10 9.34
CA GLY A 292 0.26 27.51 9.42
C GLY A 292 -0.83 28.53 9.11
N ALA A 293 -0.59 29.81 9.43
CA ALA A 293 -1.56 30.93 9.33
C ALA A 293 -1.98 31.16 7.86
N ALA A 294 -1.02 31.22 6.93
CA ALA A 294 -1.25 31.44 5.47
C ALA A 294 -2.22 30.40 4.88
N LEU A 295 -1.83 29.11 4.84
CA LEU A 295 -2.64 28.04 4.14
C LEU A 295 -3.91 27.73 4.94
N GLY A 296 -3.91 28.05 6.23
CA GLY A 296 -5.05 27.84 7.17
C GLY A 296 -6.10 28.94 7.11
N SER A 297 -5.79 30.12 6.53
CA SER A 297 -6.72 31.26 6.33
C SER A 297 -8.03 30.81 5.63
N PRO A 298 -9.22 31.32 6.05
CA PRO A 298 -10.51 30.87 5.46
C PRO A 298 -10.68 30.85 3.93
N ALA A 299 -10.09 31.79 3.18
CA ALA A 299 -10.20 31.81 1.69
C ALA A 299 -9.42 30.62 1.06
N LEU A 300 -8.30 30.19 1.67
CA LEU A 300 -7.48 29.04 1.16
C LEU A 300 -7.94 27.71 1.78
N LEU A 301 -8.52 27.70 2.99
CA LEU A 301 -9.06 26.47 3.63
C LEU A 301 -10.51 26.72 3.98
N PRO A 302 -11.42 26.58 3.00
CA PRO A 302 -12.84 26.89 3.22
C PRO A 302 -13.45 25.99 4.28
N PRO A 303 -14.20 26.54 5.29
CA PRO A 303 -14.85 25.72 6.30
C PRO A 303 -15.97 24.80 5.76
N LEU A 304 -16.06 23.58 6.30
CA LEU A 304 -17.18 22.62 6.12
C LEU A 304 -16.76 21.49 5.17
#